data_6EFD
#
_entry.id   6EFD
#
_cell.length_a   46.645
_cell.length_b   58.140
_cell.length_c   75.959
_cell.angle_alpha   90.00
_cell.angle_beta   90.00
_cell.angle_gamma   90.00
#
_symmetry.space_group_name_H-M   'P 21 21 21'
#
loop_
_entity.id
_entity.type
_entity.pdbx_description
1 polymer 'Streptococcal hemagglutinin'
2 branched 'N-acetyl-alpha-neuraminic acid-(2-3)-beta-D-galactopyranose-(1-3)-2-acetamido-2-deoxy-alpha-D-galactopyranose'
3 non-polymer 'SODIUM ION'
4 water water
#
_entity_poly.entity_id   1
_entity_poly.type   'polypeptide(L)'
_entity_poly.pdbx_seq_one_letter_code
;LNTNQSVSARNQNARVRTRRAVAANDTEAPQVKSGDYVVYRGESFEYYAEITDNSGQVNRVVIRNVEGGANSTYLSPNWV
KYSTENLGRPGNATVQNPLRTRIFGEVPLNEIVNEKSYYTRYIVAWDPSGNATQMVDNANRNGLERFVLTVKSQNEKYDP
AESSVTYVNNLSNLSTSEREAVAAAVRAANPNIPPTAKITVSQNGTVTITYPDKSTDTIPANRVVKDLQISKSN
;
_entity_poly.pdbx_strand_id   A
#
loop_
_chem_comp.id
_chem_comp.type
_chem_comp.name
_chem_comp.formula
A2G D-saccharide, alpha linking 2-acetamido-2-deoxy-alpha-D-galactopyranose 'C8 H15 N O6'
GAL D-saccharide, beta linking beta-D-galactopyranose 'C6 H12 O6'
NA non-polymer 'SODIUM ION' 'Na 1'
SIA D-saccharide, alpha linking 'N-acetyl-alpha-neuraminic acid' 'C11 H19 N O9'
#
# COMPACT_ATOMS: atom_id res chain seq x y z
N ASP A 26 -22.19 12.75 13.65
CA ASP A 26 -22.50 14.19 13.53
C ASP A 26 -22.83 14.47 12.06
N THR A 27 -24.08 14.35 11.69
CA THR A 27 -24.50 14.57 10.27
C THR A 27 -24.31 16.02 9.85
N GLU A 28 -24.18 16.89 10.82
CA GLU A 28 -23.92 18.26 10.51
C GLU A 28 -22.46 18.47 10.23
N ALA A 29 -21.60 17.58 10.69
CA ALA A 29 -20.19 17.66 10.46
C ALA A 29 -19.85 17.06 9.10
N PRO A 30 -18.70 17.39 8.60
CA PRO A 30 -18.28 16.84 7.31
C PRO A 30 -18.20 15.31 7.33
N GLN A 31 -18.64 14.67 6.25
CA GLN A 31 -18.61 13.21 6.15
C GLN A 31 -17.39 12.76 5.37
N VAL A 32 -16.78 11.67 5.79
CA VAL A 32 -15.55 11.20 5.15
C VAL A 32 -15.70 9.78 4.61
N LYS A 33 -15.20 9.58 3.39
CA LYS A 33 -15.12 8.26 2.80
C LYS A 33 -13.65 7.95 2.49
N SER A 34 -13.08 7.00 3.22
CA SER A 34 -11.69 6.61 3.01
C SER A 34 -11.61 5.24 2.33
N GLY A 35 -10.85 4.32 2.91
CA GLY A 35 -10.72 2.98 2.36
C GLY A 35 -9.77 2.08 3.12
N ASP A 36 -9.34 1.01 2.47
CA ASP A 36 -8.39 0.07 3.04
C ASP A 36 -6.98 0.39 2.55
N TYR A 37 -6.24 1.15 3.34
CA TYR A 37 -4.97 1.72 2.88
C TYR A 37 -3.77 0.83 3.19
N VAL A 38 -3.49 -0.11 2.30
CA VAL A 38 -2.33 -0.99 2.45
C VAL A 38 -1.09 -0.36 1.84
N VAL A 39 0.02 -0.40 2.58
CA VAL A 39 1.30 0.12 2.11
C VAL A 39 2.39 -0.94 2.25
N TYR A 40 3.52 -0.73 1.57
CA TYR A 40 4.58 -1.73 1.50
C TYR A 40 5.97 -1.15 1.75
N ARG A 41 6.81 -1.91 2.46
CA ARG A 41 8.18 -1.47 2.74
C ARG A 41 8.98 -1.20 1.46
N GLY A 42 9.65 -0.06 1.43
CA GLY A 42 10.48 0.32 0.30
C GLY A 42 9.70 0.83 -0.89
N GLU A 43 8.41 1.10 -0.71
CA GLU A 43 7.56 1.56 -1.79
C GLU A 43 6.84 2.85 -1.42
N SER A 44 6.62 3.71 -2.41
CA SER A 44 5.80 4.89 -2.22
C SER A 44 4.33 4.49 -2.25
N PHE A 45 3.49 5.26 -1.57
CA PHE A 45 2.06 5.00 -1.59
C PHE A 45 1.28 6.31 -1.76
N GLU A 46 0.04 6.19 -2.21
CA GLU A 46 -0.81 7.34 -2.44
C GLU A 46 -2.27 6.93 -2.47
N TYR A 47 -3.05 7.47 -1.54
CA TYR A 47 -4.49 7.23 -1.50
C TYR A 47 -5.24 8.55 -1.39
N TYR A 48 -6.51 8.55 -1.78
CA TYR A 48 -7.34 9.75 -1.70
C TYR A 48 -8.65 9.52 -0.95
N ALA A 49 -8.94 10.36 0.01
CA ALA A 49 -10.18 10.29 0.75
C ALA A 49 -11.15 11.35 0.26
N GLU A 50 -12.43 11.08 0.32
CA GLU A 50 -13.44 12.00 -0.15
C GLU A 50 -14.20 12.61 1.03
N ILE A 51 -14.40 13.89 0.99
CA ILE A 51 -15.05 14.60 2.08
C ILE A 51 -16.18 15.49 1.57
N THR A 52 -17.36 15.34 2.17
CA THR A 52 -18.51 16.17 1.83
C THR A 52 -19.13 16.79 3.07
N ASP A 53 -19.83 17.89 2.88
CA ASP A 53 -20.50 18.57 3.96
C ASP A 53 -21.83 19.15 3.48
N ASN A 54 -22.82 19.19 4.34
N ASN A 54 -22.76 19.25 4.41
CA ASN A 54 -24.11 19.77 3.98
CA ASN A 54 -24.09 19.79 4.15
C ASN A 54 -24.07 21.27 3.63
C ASN A 54 -24.04 21.23 3.65
N SER A 55 -23.11 22.00 4.14
CA SER A 55 -22.86 23.38 3.80
C SER A 55 -22.12 23.51 2.47
N GLY A 56 -21.54 22.42 1.99
CA GLY A 56 -20.82 22.40 0.73
C GLY A 56 -19.39 22.91 0.86
N GLN A 57 -18.98 23.24 2.08
CA GLN A 57 -17.66 23.83 2.30
C GLN A 57 -16.90 23.21 3.45
N VAL A 58 -15.60 22.98 3.24
CA VAL A 58 -14.69 22.51 4.27
C VAL A 58 -13.50 23.47 4.38
N ASN A 59 -13.16 23.88 5.60
CA ASN A 59 -12.11 24.86 5.82
C ASN A 59 -10.79 24.25 6.30
N ARG A 60 -10.86 23.10 6.95
CA ARG A 60 -9.67 22.48 7.53
C ARG A 60 -9.75 20.96 7.50
N VAL A 61 -8.59 20.32 7.29
CA VAL A 61 -8.51 18.86 7.33
C VAL A 61 -7.28 18.43 8.13
N VAL A 62 -7.50 17.60 9.14
CA VAL A 62 -6.41 17.04 9.93
C VAL A 62 -6.51 15.51 9.99
N ILE A 63 -5.39 14.84 9.77
CA ILE A 63 -5.30 13.40 9.97
C ILE A 63 -4.45 13.12 11.20
N ARG A 64 -4.94 12.28 12.11
CA ARG A 64 -4.34 12.19 13.43
C ARG A 64 -4.51 10.84 14.13
N ASN A 65 -3.69 10.66 15.15
CA ASN A 65 -3.83 9.56 16.11
C ASN A 65 -5.06 9.88 16.98
N VAL A 66 -5.74 8.88 17.53
CA VAL A 66 -6.97 9.11 18.33
C VAL A 66 -6.66 9.87 19.63
N GLU A 67 -5.48 9.70 20.19
CA GLU A 67 -5.12 10.32 21.49
C GLU A 67 -4.79 11.80 21.36
N GLY A 68 -4.94 12.56 22.44
CA GLY A 68 -4.43 13.94 22.40
C GLY A 68 -5.43 15.04 22.69
N GLY A 69 -6.72 14.77 22.61
CA GLY A 69 -7.62 15.91 22.87
C GLY A 69 -8.11 16.50 21.56
N ALA A 70 -8.74 17.65 21.64
CA ALA A 70 -9.43 18.28 20.51
C ALA A 70 -8.50 19.06 19.58
N ASN A 71 -7.46 19.66 20.15
N ASN A 71 -7.45 19.65 20.15
CA ASN A 71 -6.55 20.49 19.37
CA ASN A 71 -6.54 20.49 19.38
C ASN A 71 -5.32 19.73 18.87
C ASN A 71 -5.30 19.74 18.93
N SER A 72 -5.25 18.44 19.18
CA SER A 72 -4.11 17.62 18.80
C SER A 72 -4.08 17.36 17.30
N THR A 73 -2.88 17.44 16.73
CA THR A 73 -2.67 17.13 15.31
C THR A 73 -1.56 16.10 15.14
N TYR A 74 -1.16 15.48 16.25
CA TYR A 74 -0.07 14.51 16.22
C TYR A 74 -0.42 13.31 15.35
N LEU A 75 0.49 12.94 14.47
CA LEU A 75 0.28 11.82 13.55
C LEU A 75 1.55 10.99 13.40
N SER A 76 1.42 9.68 13.63
CA SER A 76 2.55 8.77 13.48
C SER A 76 2.11 7.56 12.66
N PRO A 77 3.05 6.89 12.01
CA PRO A 77 4.46 7.26 11.87
C PRO A 77 4.75 8.54 11.13
N ASN A 78 5.95 9.06 11.31
CA ASN A 78 6.34 10.31 10.73
C ASN A 78 6.38 10.39 9.22
N TRP A 79 6.44 9.24 8.55
CA TRP A 79 6.49 9.19 7.10
C TRP A 79 5.14 9.35 6.42
N VAL A 80 4.08 9.35 7.20
CA VAL A 80 2.75 9.55 6.68
C VAL A 80 2.49 11.03 6.51
N LYS A 81 2.34 11.42 5.26
CA LYS A 81 2.07 12.79 4.92
C LYS A 81 0.68 12.95 4.31
N TYR A 82 0.20 14.16 4.30
CA TYR A 82 -1.08 14.41 3.64
C TYR A 82 -1.21 15.86 3.17
N SER A 83 -2.12 16.07 2.23
CA SER A 83 -2.33 17.41 1.67
C SER A 83 -3.77 17.54 1.17
N THR A 84 -4.28 18.76 1.25
CA THR A 84 -5.63 19.06 0.79
C THR A 84 -5.65 20.43 0.13
N GLU A 85 -5.83 20.39 -1.20
CA GLU A 85 -5.89 21.63 -2.03
C GLU A 85 -7.28 22.25 -1.92
N ASN A 86 -7.42 23.50 -2.36
CA ASN A 86 -8.70 24.23 -2.46
C ASN A 86 -9.44 24.31 -1.13
N LEU A 87 -8.76 24.55 -0.02
CA LEU A 87 -9.50 24.68 1.26
C LEU A 87 -10.13 26.07 1.41
N GLY A 88 -11.25 26.14 2.11
CA GLY A 88 -11.91 27.41 2.44
C GLY A 88 -12.61 28.08 1.29
N ARG A 89 -13.01 27.33 0.28
CA ARG A 89 -13.75 27.91 -0.85
C ARG A 89 -15.16 27.34 -0.88
N PRO A 90 -16.20 28.16 -1.08
CA PRO A 90 -17.57 27.67 -1.15
C PRO A 90 -17.75 26.59 -2.23
N GLY A 91 -18.53 25.56 -1.91
CA GLY A 91 -18.80 24.48 -2.85
C GLY A 91 -17.61 23.60 -3.16
N ASN A 92 -16.66 23.52 -2.23
CA ASN A 92 -15.47 22.70 -2.46
C ASN A 92 -15.64 21.28 -1.91
N ALA A 93 -16.77 21.03 -1.25
CA ALA A 93 -17.04 19.74 -0.65
C ALA A 93 -18.49 19.32 -0.83
N THR A 94 -18.91 19.17 -2.08
CA THR A 94 -20.29 18.78 -2.38
C THR A 94 -20.36 17.30 -2.76
N VAL A 95 -21.58 16.76 -2.77
CA VAL A 95 -21.80 15.35 -3.11
C VAL A 95 -21.35 15.09 -4.54
N GLN A 96 -21.56 16.06 -5.41
CA GLN A 96 -21.20 15.90 -6.84
C GLN A 96 -19.68 16.02 -7.04
N ASN A 97 -19.01 16.79 -6.21
CA ASN A 97 -17.55 17.02 -6.36
C ASN A 97 -16.92 17.13 -4.98
N PRO A 98 -16.74 15.99 -4.30
CA PRO A 98 -16.20 15.98 -2.93
C PRO A 98 -14.80 16.57 -2.84
N LEU A 99 -14.48 17.17 -1.70
CA LEU A 99 -13.11 17.59 -1.42
C LEU A 99 -12.26 16.34 -1.28
N ARG A 100 -11.10 16.37 -1.91
CA ARG A 100 -10.20 15.19 -1.89
C ARG A 100 -8.92 15.45 -1.08
N THR A 101 -8.62 14.54 -0.17
CA THR A 101 -7.41 14.66 0.63
C THR A 101 -6.42 13.57 0.22
N ARG A 102 -5.22 14.01 -0.15
CA ARG A 102 -4.17 13.08 -0.55
C ARG A 102 -3.43 12.53 0.67
N ILE A 103 -3.33 11.21 0.74
CA ILE A 103 -2.60 10.54 1.86
C ILE A 103 -1.44 9.77 1.22
N PHE A 104 -0.21 10.11 1.58
CA PHE A 104 0.94 9.55 0.85
C PHE A 104 2.25 9.55 1.65
N GLY A 105 3.25 8.93 1.06
CA GLY A 105 4.60 8.84 1.64
C GLY A 105 5.44 7.72 1.07
N GLU A 106 6.58 7.50 1.70
CA GLU A 106 7.54 6.44 1.35
C GLU A 106 7.75 5.59 2.60
N VAL A 107 7.47 4.31 2.48
CA VAL A 107 7.63 3.40 3.64
C VAL A 107 9.11 3.03 3.78
N PRO A 108 9.75 3.29 4.92
CA PRO A 108 11.13 2.89 5.11
C PRO A 108 11.34 1.37 5.03
N LEU A 109 12.56 0.97 4.69
CA LEU A 109 12.90 -0.45 4.61
C LEU A 109 12.96 -1.10 5.99
N ASN A 110 13.05 -0.27 7.03
CA ASN A 110 13.29 -0.77 8.38
C ASN A 110 12.04 -0.88 9.25
N GLU A 111 10.87 -0.78 8.64
CA GLU A 111 9.62 -0.95 9.39
C GLU A 111 9.42 -2.39 9.81
N ILE A 112 8.86 -2.61 10.99
CA ILE A 112 8.54 -3.95 11.46
C ILE A 112 7.20 -4.40 10.87
N VAL A 113 7.19 -5.59 10.28
N VAL A 113 7.18 -5.60 10.30
CA VAL A 113 5.95 -6.10 9.70
CA VAL A 113 5.97 -6.13 9.67
C VAL A 113 5.51 -7.39 10.39
C VAL A 113 5.49 -7.42 10.33
N ASN A 114 4.23 -7.44 10.74
CA ASN A 114 3.59 -8.62 11.30
C ASN A 114 2.08 -8.42 11.28
N GLU A 115 1.35 -9.35 11.91
CA GLU A 115 -0.12 -9.28 11.90
C GLU A 115 -0.62 -8.03 12.62
N LYS A 116 0.19 -7.46 13.50
CA LYS A 116 -0.29 -6.24 14.17
C LYS A 116 0.30 -4.96 13.60
N SER A 117 1.07 -5.03 12.50
CA SER A 117 1.74 -3.84 11.92
C SER A 117 0.75 -2.98 11.13
N TYR A 118 -0.28 -2.55 11.83
CA TYR A 118 -1.24 -1.63 11.23
C TYR A 118 -1.52 -0.48 12.19
N TYR A 119 -1.97 0.64 11.63
CA TYR A 119 -2.18 1.85 12.39
C TYR A 119 -3.54 2.46 12.08
N THR A 120 -4.39 2.53 13.11
CA THR A 120 -5.73 3.09 12.96
C THR A 120 -5.72 4.60 13.18
N ARG A 121 -6.09 5.36 12.16
CA ARG A 121 -6.04 6.81 12.22
C ARG A 121 -7.39 7.43 11.88
N TYR A 122 -7.52 8.73 12.13
CA TYR A 122 -8.80 9.41 11.98
C TYR A 122 -8.67 10.67 11.13
N ILE A 123 -9.62 10.86 10.23
CA ILE A 123 -9.68 12.05 9.40
C ILE A 123 -10.71 13.02 9.94
N VAL A 124 -10.26 14.19 10.37
CA VAL A 124 -11.17 15.20 10.92
C VAL A 124 -11.22 16.43 10.02
N ALA A 125 -12.43 16.83 9.66
CA ALA A 125 -12.63 18.01 8.83
C ALA A 125 -13.57 19.00 9.53
N TRP A 126 -13.37 20.30 9.25
CA TRP A 126 -14.18 21.36 9.85
C TRP A 126 -14.97 22.11 8.79
N ASP A 127 -16.25 22.36 9.06
CA ASP A 127 -17.07 23.19 8.17
C ASP A 127 -16.97 24.65 8.62
N PRO A 128 -17.49 25.60 7.82
CA PRO A 128 -17.45 27.01 8.23
C PRO A 128 -18.04 27.33 9.61
N SER A 129 -18.97 26.51 10.08
CA SER A 129 -19.57 26.72 11.39
C SER A 129 -18.63 26.29 12.51
N GLY A 130 -17.73 25.39 12.20
CA GLY A 130 -16.79 24.86 13.13
C GLY A 130 -17.14 23.47 13.61
N ASN A 131 -18.12 22.85 12.99
CA ASN A 131 -18.54 21.52 13.34
C ASN A 131 -17.43 20.60 12.81
N ALA A 132 -16.98 19.67 13.61
CA ALA A 132 -15.93 18.77 13.20
C ALA A 132 -16.35 17.32 13.23
N THR A 133 -15.83 16.53 12.30
CA THR A 133 -16.12 15.10 12.25
C THR A 133 -15.80 14.45 13.58
N GLN A 134 -16.75 13.68 14.09
CA GLN A 134 -16.56 13.00 15.41
C GLN A 134 -15.76 11.72 15.24
N MET A 135 -14.82 11.48 16.14
CA MET A 135 -14.04 10.24 16.15
C MET A 135 -14.75 9.17 16.95
N VAL A 136 -15.15 8.10 16.29
CA VAL A 136 -15.82 6.98 16.95
C VAL A 136 -14.94 5.74 16.88
N ASP A 137 -14.68 5.16 18.03
CA ASP A 137 -13.80 4.04 18.13
C ASP A 137 -14.48 2.72 17.91
N ASN A 138 -14.68 2.37 16.67
CA ASN A 138 -15.35 1.13 16.32
C ASN A 138 -14.93 0.64 14.94
N ALA A 139 -14.69 -0.67 14.82
CA ALA A 139 -14.21 -1.26 13.58
C ALA A 139 -15.23 -1.09 12.44
N ASN A 140 -16.49 -0.93 12.80
CA ASN A 140 -17.56 -0.77 11.83
C ASN A 140 -17.49 0.57 11.10
N ARG A 141 -16.64 1.47 11.60
CA ARG A 141 -16.49 2.79 11.01
C ARG A 141 -15.30 2.83 10.05
N ASN A 142 -14.57 1.72 9.95
CA ASN A 142 -13.44 1.62 9.04
C ASN A 142 -13.86 1.83 7.60
N GLY A 143 -13.12 2.67 6.88
CA GLY A 143 -13.47 3.00 5.52
C GLY A 143 -14.25 4.30 5.43
N LEU A 144 -14.53 4.88 6.60
CA LEU A 144 -15.21 6.18 6.67
C LEU A 144 -14.23 7.23 7.18
N GLU A 145 -14.55 7.89 8.28
CA GLU A 145 -13.62 8.86 8.87
C GLU A 145 -12.50 8.11 9.58
N ARG A 146 -12.75 6.84 9.88
CA ARG A 146 -11.78 5.96 10.50
C ARG A 146 -11.16 5.07 9.43
N PHE A 147 -9.84 4.93 9.42
CA PHE A 147 -9.21 4.02 8.46
C PHE A 147 -8.00 3.30 9.06
N VAL A 148 -7.66 2.17 8.45
CA VAL A 148 -6.52 1.38 8.88
C VAL A 148 -5.40 1.45 7.84
N LEU A 149 -4.22 1.87 8.28
CA LEU A 149 -3.04 1.84 7.44
C LEU A 149 -2.25 0.57 7.76
N THR A 150 -2.27 -0.40 6.85
CA THR A 150 -1.59 -1.67 7.07
C THR A 150 -0.26 -1.73 6.36
N VAL A 151 0.81 -1.96 7.12
CA VAL A 151 2.14 -2.09 6.55
C VAL A 151 2.47 -3.55 6.31
N LYS A 152 2.78 -3.89 5.07
CA LYS A 152 3.17 -5.24 4.70
C LYS A 152 4.57 -5.26 4.11
N SER A 153 5.11 -6.46 3.97
CA SER A 153 6.45 -6.63 3.36
C SER A 153 6.34 -6.35 1.86
N GLN A 154 7.43 -5.95 1.25
CA GLN A 154 7.53 -5.54 -0.17
C GLN A 154 7.06 -6.66 -1.09
N ASN A 155 7.27 -7.91 -0.70
CA ASN A 155 6.88 -9.06 -1.57
C ASN A 155 5.36 -9.15 -1.77
N GLU A 156 4.62 -8.57 -0.85
CA GLU A 156 3.15 -8.65 -0.87
C GLU A 156 2.54 -7.79 -1.98
N LYS A 157 3.29 -6.80 -2.43
CA LYS A 157 2.83 -5.88 -3.49
C LYS A 157 2.83 -6.58 -4.85
N TYR A 158 3.65 -7.60 -5.01
CA TYR A 158 3.87 -8.26 -6.33
C TYR A 158 3.39 -9.70 -6.39
N ASP A 159 2.81 -10.05 -7.52
CA ASP A 159 2.38 -11.44 -7.79
C ASP A 159 3.17 -11.89 -9.02
N PRO A 160 4.30 -12.58 -8.87
CA PRO A 160 5.14 -12.93 -10.00
C PRO A 160 4.35 -13.65 -11.08
N ALA A 161 4.36 -13.07 -12.27
CA ALA A 161 3.61 -13.57 -13.44
C ALA A 161 4.26 -14.81 -14.02
N GLU A 162 3.43 -15.64 -14.64
CA GLU A 162 3.91 -16.84 -15.28
C GLU A 162 4.94 -16.53 -16.37
N SER A 163 6.11 -17.12 -16.23
CA SER A 163 7.19 -16.99 -17.18
C SER A 163 7.07 -18.00 -18.29
N SER A 164 7.74 -17.75 -19.40
CA SER A 164 7.77 -18.73 -20.46
C SER A 164 8.72 -19.83 -19.96
N VAL A 165 8.38 -21.05 -20.28
CA VAL A 165 9.14 -22.16 -19.82
C VAL A 165 10.54 -22.25 -20.39
N THR A 166 11.51 -22.53 -19.55
CA THR A 166 12.86 -22.79 -19.99
C THR A 166 13.15 -24.28 -20.03
N TYR A 167 13.52 -24.80 -21.19
CA TYR A 167 13.86 -26.20 -21.32
C TYR A 167 15.33 -26.43 -21.03
N VAL A 168 15.60 -27.29 -20.04
CA VAL A 168 16.95 -27.57 -19.62
C VAL A 168 17.29 -29.04 -19.89
N ASN A 169 18.57 -29.38 -19.79
CA ASN A 169 19.01 -30.75 -20.07
C ASN A 169 18.52 -31.73 -19.00
N ASN A 170 18.67 -31.35 -17.74
CA ASN A 170 18.30 -32.22 -16.63
C ASN A 170 17.73 -31.41 -15.47
N LEU A 171 16.48 -31.70 -15.11
CA LEU A 171 15.76 -30.94 -14.09
C LEU A 171 16.39 -31.02 -12.70
N SER A 172 17.20 -32.05 -12.47
CA SER A 172 17.81 -32.25 -11.17
C SER A 172 19.18 -31.57 -11.06
N ASN A 173 19.65 -31.02 -12.17
CA ASN A 173 20.95 -30.36 -12.18
C ASN A 173 21.08 -29.30 -13.27
N LEU A 174 20.74 -28.06 -12.94
CA LEU A 174 20.86 -26.96 -13.89
C LEU A 174 22.28 -26.40 -13.89
N SER A 175 22.78 -26.09 -15.08
CA SER A 175 24.09 -25.45 -15.22
C SER A 175 24.00 -23.99 -14.81
N THR A 176 25.16 -23.34 -14.67
CA THR A 176 25.20 -21.92 -14.37
C THR A 176 24.50 -21.12 -15.47
N SER A 177 24.74 -21.51 -16.71
CA SER A 177 24.13 -20.86 -17.86
C SER A 177 22.61 -21.05 -17.88
N GLU A 178 22.16 -22.22 -17.43
CA GLU A 178 20.73 -22.52 -17.39
C GLU A 178 20.04 -21.76 -16.26
N ARG A 179 20.74 -21.55 -15.17
CA ARG A 179 20.22 -20.83 -14.03
C ARG A 179 20.06 -19.35 -14.37
N GLU A 180 21.01 -18.83 -15.12
CA GLU A 180 20.98 -17.46 -15.57
C GLU A 180 19.82 -17.28 -16.57
N ALA A 181 19.55 -18.27 -17.38
CA ALA A 181 18.50 -18.21 -18.36
C ALA A 181 17.12 -18.17 -17.70
N VAL A 182 16.97 -18.95 -16.66
CA VAL A 182 15.71 -18.98 -15.93
C VAL A 182 15.44 -17.63 -15.28
N ALA A 183 16.48 -17.06 -14.67
CA ALA A 183 16.37 -15.77 -14.01
C ALA A 183 16.01 -14.68 -15.01
N ALA A 184 16.58 -14.78 -16.22
CA ALA A 184 16.32 -13.81 -17.27
C ALA A 184 14.88 -13.91 -17.76
N ALA A 185 14.37 -15.14 -17.87
CA ALA A 185 13.01 -15.39 -18.31
C ALA A 185 12.00 -14.81 -17.31
N VAL A 186 12.27 -14.98 -16.02
CA VAL A 186 11.41 -14.46 -14.97
C VAL A 186 11.36 -12.94 -15.00
N ARG A 187 12.52 -12.32 -15.18
CA ARG A 187 12.63 -10.86 -15.25
C ARG A 187 11.89 -10.30 -16.46
N ALA A 188 12.03 -10.97 -17.60
CA ALA A 188 11.38 -10.55 -18.83
C ALA A 188 9.85 -10.59 -18.70
N ALA A 189 9.37 -11.53 -17.89
CA ALA A 189 7.93 -11.69 -17.69
C ALA A 189 7.40 -10.82 -16.57
N ASN A 190 8.30 -10.17 -15.82
CA ASN A 190 7.90 -9.32 -14.71
C ASN A 190 8.61 -7.96 -14.70
N PRO A 191 8.24 -7.08 -15.65
CA PRO A 191 8.88 -5.76 -15.76
C PRO A 191 8.55 -4.82 -14.59
N ASN A 192 7.47 -5.10 -13.87
CA ASN A 192 7.02 -4.21 -12.80
C ASN A 192 7.71 -4.45 -11.47
N ILE A 193 8.37 -5.61 -11.34
CA ILE A 193 9.19 -5.91 -10.17
C ILE A 193 10.35 -4.91 -10.08
N PRO A 194 10.66 -4.43 -8.86
CA PRO A 194 11.76 -3.48 -8.64
C PRO A 194 13.04 -3.86 -9.39
N PRO A 195 13.66 -2.91 -10.11
CA PRO A 195 14.85 -3.15 -10.90
C PRO A 195 16.00 -3.70 -10.07
N THR A 196 16.13 -3.24 -8.83
CA THR A 196 17.21 -3.68 -7.92
C THR A 196 16.82 -4.94 -7.14
N ALA A 197 15.67 -5.52 -7.42
CA ALA A 197 15.32 -6.81 -6.80
C ALA A 197 16.24 -7.87 -7.39
N LYS A 198 16.62 -8.84 -6.58
CA LYS A 198 17.57 -9.87 -6.99
C LYS A 198 16.89 -11.21 -7.24
N ILE A 199 17.02 -11.71 -8.47
CA ILE A 199 16.43 -13.00 -8.84
C ILE A 199 17.51 -14.07 -8.92
N THR A 200 17.42 -15.07 -8.04
CA THR A 200 18.36 -16.18 -8.03
C THR A 200 17.65 -17.49 -8.31
N VAL A 201 18.38 -18.45 -8.89
CA VAL A 201 17.82 -19.76 -9.23
C VAL A 201 18.73 -20.88 -8.73
N SER A 202 18.14 -21.87 -8.06
CA SER A 202 18.92 -22.97 -7.50
C SER A 202 19.26 -24.02 -8.55
N GLN A 203 19.95 -25.08 -8.13
CA GLN A 203 20.41 -26.11 -9.06
C GLN A 203 19.26 -27.00 -9.53
N ASN A 204 18.11 -26.89 -8.88
CA ASN A 204 16.95 -27.68 -9.28
C ASN A 204 15.87 -26.84 -9.96
N GLY A 205 16.16 -25.55 -10.13
CA GLY A 205 15.28 -24.67 -10.89
C GLY A 205 14.35 -23.81 -10.07
N THR A 206 14.45 -23.90 -8.74
CA THR A 206 13.60 -23.10 -7.86
C THR A 206 14.01 -21.63 -7.90
N VAL A 207 13.04 -20.75 -8.12
CA VAL A 207 13.30 -19.32 -8.24
C VAL A 207 13.06 -18.60 -6.92
N THR A 208 13.99 -17.74 -6.53
CA THR A 208 13.81 -16.88 -5.37
C THR A 208 13.97 -15.42 -5.79
N ILE A 209 12.95 -14.62 -5.50
CA ILE A 209 13.03 -13.18 -5.73
C ILE A 209 13.22 -12.47 -4.41
N THR A 210 14.37 -11.81 -4.25
CA THR A 210 14.66 -11.08 -3.02
C THR A 210 14.51 -9.58 -3.22
N TYR A 211 13.47 -9.02 -2.62
CA TYR A 211 13.14 -7.61 -2.78
C TYR A 211 14.07 -6.75 -1.93
N PRO A 212 14.14 -5.44 -2.22
CA PRO A 212 14.99 -4.51 -1.45
C PRO A 212 14.81 -4.57 0.07
N ASP A 213 13.61 -4.91 0.55
CA ASP A 213 13.39 -5.01 1.99
C ASP A 213 13.77 -6.40 2.51
N LYS A 214 14.31 -7.22 1.60
CA LYS A 214 14.84 -8.55 1.88
C LYS A 214 13.75 -9.59 2.19
N SER A 215 12.50 -9.27 1.91
CA SER A 215 11.44 -10.27 1.89
C SER A 215 11.53 -11.03 0.57
N THR A 216 10.87 -12.18 0.47
CA THR A 216 11.01 -13.01 -0.74
C THR A 216 9.71 -13.59 -1.27
N ASP A 217 9.72 -13.86 -2.56
CA ASP A 217 8.71 -14.64 -3.25
C ASP A 217 9.50 -15.86 -3.80
N THR A 218 8.82 -16.99 -3.88
CA THR A 218 9.42 -18.21 -4.38
C THR A 218 8.59 -18.74 -5.54
N ILE A 219 9.24 -19.19 -6.60
CA ILE A 219 8.47 -19.79 -7.73
C ILE A 219 8.91 -21.25 -7.88
N PRO A 220 8.00 -22.22 -7.82
CA PRO A 220 8.36 -23.61 -7.95
C PRO A 220 9.02 -23.94 -9.29
N ALA A 221 9.94 -24.91 -9.27
CA ALA A 221 10.65 -25.32 -10.49
C ALA A 221 9.68 -25.75 -11.60
N ASN A 222 8.55 -26.38 -11.25
CA ASN A 222 7.61 -26.90 -12.28
C ASN A 222 6.78 -25.80 -12.99
N ARG A 223 6.87 -24.56 -12.57
CA ARG A 223 6.19 -23.48 -13.30
C ARG A 223 7.22 -22.77 -14.18
N VAL A 224 8.50 -23.15 -14.14
CA VAL A 224 9.50 -22.39 -14.94
C VAL A 224 10.42 -23.29 -15.76
N VAL A 225 10.57 -24.55 -15.40
CA VAL A 225 11.49 -25.42 -16.19
C VAL A 225 10.89 -26.79 -16.47
N LYS A 226 11.28 -27.32 -17.61
CA LYS A 226 10.98 -28.71 -17.99
C LYS A 226 12.22 -29.29 -18.65
N ASP A 227 12.30 -30.61 -18.72
CA ASP A 227 13.31 -31.24 -19.58
C ASP A 227 12.63 -32.27 -20.49
N LEU A 228 13.43 -32.92 -21.33
CA LEU A 228 12.92 -33.92 -22.24
C LEU A 228 13.51 -35.29 -21.90
N GLN A 229 13.64 -35.57 -20.61
CA GLN A 229 14.25 -36.80 -20.13
C GLN A 229 13.31 -38.00 -20.17
N ILE A 230 12.00 -37.73 -20.18
CA ILE A 230 11.02 -38.85 -20.22
C ILE A 230 10.42 -39.03 -21.60
N SER A 231 10.65 -40.19 -22.23
CA SER A 231 10.00 -40.42 -23.55
C SER A 231 8.52 -40.75 -23.35
O5 A2G B . -8.33 5.82 24.21
C1 A2G B . -6.91 6.00 24.18
O1 A2G B . -6.61 7.07 23.29
C2 A2G B . -6.25 4.71 23.70
N2 A2G B . -4.84 5.03 23.50
C3 A2G B . -6.79 4.33 22.34
O3 A2G B . -6.23 3.07 21.91
C4 A2G B . -8.31 4.24 22.40
O4 A2G B . -8.68 3.16 23.26
C5 A2G B . -8.88 5.55 22.93
C6 A2G B . -10.41 5.49 23.02
O6 A2G B . -10.97 5.97 21.79
C7 A2G B . -3.93 4.74 24.42
O7 A2G B . -4.23 4.20 25.47
C8 A2G B . -2.52 5.13 24.10
C1 GAL B . -6.01 2.74 20.60
C2 GAL B . -5.27 1.44 20.20
C3 GAL B . -5.08 1.37 18.68
C4 GAL B . -6.44 1.52 17.98
C5 GAL B . -7.08 2.82 18.44
C6 GAL B . -8.48 3.06 17.88
O2 GAL B . -3.98 1.38 20.80
O3 GAL B . -4.50 0.12 18.27
O4 GAL B . -7.27 0.42 18.30
O5 GAL B . -7.23 2.83 19.87
O6 GAL B . -8.92 4.37 18.18
C1 SIA B . -4.08 0.57 16.05
C2 SIA B . -3.61 -0.08 17.37
C3 SIA B . -3.31 -1.55 17.28
C4 SIA B . -2.08 -1.94 16.43
C5 SIA B . -0.89 -1.11 16.82
C6 SIA B . -1.34 0.35 16.94
C7 SIA B . -0.19 1.24 17.36
C8 SIA B . -0.58 2.66 17.62
C9 SIA B . 0.68 3.42 17.35
C10 SIA B . 1.43 -1.57 16.23
C11 SIA B . 2.42 -1.72 15.13
N5 SIA B . 0.20 -1.27 15.89
O1A SIA B . -3.78 1.69 15.80
O1B SIA B . -4.75 -0.06 15.29
O4 SIA B . -1.75 -3.29 16.46
O6 SIA B . -2.43 0.54 17.79
O7 SIA B . 0.46 0.79 18.51
O8 SIA B . -1.57 3.02 16.70
O9 SIA B . 0.36 4.73 17.59
O10 SIA B . 1.78 -1.73 17.35
NA NA C . -21.81 20.98 8.08
NA NA D . 4.49 -11.85 -3.77
#